data_4CC9
#
_entry.id   4CC9
#
_cell.length_a   74.250
_cell.length_b   82.881
_cell.length_c   115.561
_cell.angle_alpha   90.00
_cell.angle_beta   90.00
_cell.angle_gamma   90.00
#
_symmetry.space_group_name_H-M   'P 21 21 21'
#
loop_
_entity.id
_entity.type
_entity.pdbx_description
1 polymer 'PROTEIN VPRBP'
2 polymer 'PROTEIN VPX'
3 polymer 'DEOXYNUCLEOSIDE TRIPHOSPHATE TRIPHOSPHOHYDROLASE SAMHD1'
4 non-polymer 'TETRAETHYLENE GLYCOL'
5 non-polymer 'ZINC ION'
6 water water
#
loop_
_entity_poly.entity_id
_entity_poly.type
_entity_poly.pdbx_seq_one_letter_code
_entity_poly.pdbx_strand_id
1 'polypeptide(L)'
;MASFPKYGGVDGGCFDRHLIFSRFRPISVFREANEDESGFTCCAFSARERFLMLGTCTGQLKLYNVFSGQEEASYNCHNS
AITHLEPSRDGSLLLTSATWSQPLSALWGMKSVFDMKHSFTEDHYVEFSKHSQDRVIGTKGDIAHIYDIQTGNKLLTLFN
PDLANNYKRNCATFNPTDDLVLNDGVLWDVRSAQAIHKFDKFNMNISGVFHPNGLEVIINTEIWDLRTFHLLHTVPALDQ
CRVVFNHTGTVMYGAMLQADDEDDLMEERMKSPFGSSFRTFNATDYKPIATIDVKRNIFDLCTDTKDCYLAVIENQGSMD
ALNMDTVCRLYEVGRQRLAEELALVPRGSSAHHHHHHHHHH
;
A
2 'polypeptide(L)'
;GPGYQDPMSDPRERIPPGNSGEETIGEAFDWLDRTVEEINRAAVNHLPRELIFQVWRRSWEYWHDEMGMSVSYTKYRYLC
LIQKAMFMHCKKGCRCLGGEHGAGGWRPGPPPPPPPGLA
;
B
3 'polypeptide(L)' MASWSHPQFEKGALEVLFQGPGYQDPQDGDVIAPLITPQKKEWNDSTSVQNPTRLREASKSRVQLFKDDPM C
#
loop_
_chem_comp.id
_chem_comp.type
_chem_comp.name
_chem_comp.formula
PG4 non-polymer 'TETRAETHYLENE GLYCOL' 'C8 H18 O5'
ZN non-polymer 'ZINC ION' 'Zn 2'
#
# COMPACT_ATOMS: atom_id res chain seq x y z
N ARG A 17 13.17 -23.75 12.36
CA ARG A 17 12.90 -22.68 11.43
C ARG A 17 12.14 -23.15 10.19
N HIS A 18 12.59 -24.24 9.59
CA HIS A 18 11.85 -24.88 8.51
C HIS A 18 10.56 -25.54 9.02
N LEU A 19 10.48 -25.78 10.32
CA LEU A 19 9.27 -26.35 10.90
C LEU A 19 8.27 -25.22 11.16
N ILE A 20 8.73 -24.23 11.91
CA ILE A 20 7.91 -23.08 12.28
C ILE A 20 7.35 -22.31 11.09
N PHE A 21 8.19 -21.98 10.11
CA PHE A 21 7.73 -21.13 9.00
C PHE A 21 7.13 -21.87 7.80
N SER A 22 6.69 -23.10 8.06
CA SER A 22 5.95 -23.88 7.07
C SER A 22 4.54 -24.19 7.59
N ARG A 23 4.19 -23.64 8.74
CA ARG A 23 2.87 -23.90 9.34
C ARG A 23 2.12 -22.61 9.66
N PHE A 24 0.95 -22.45 9.05
CA PHE A 24 0.15 -21.25 9.26
C PHE A 24 -1.32 -21.62 9.46
N ARG A 25 -1.99 -20.89 10.35
CA ARG A 25 -3.32 -21.26 10.81
C ARG A 25 -4.20 -20.00 10.94
N PRO A 26 -5.30 -19.92 10.18
CA PRO A 26 -6.13 -18.70 10.19
C PRO A 26 -6.86 -18.59 11.53
N ILE A 27 -6.88 -17.40 12.13
CA ILE A 27 -7.61 -17.21 13.39
C ILE A 27 -8.71 -16.13 13.36
N SER A 28 -8.59 -15.12 12.49
CA SER A 28 -9.69 -14.16 12.27
C SER A 28 -9.70 -13.46 10.91
N VAL A 29 -10.83 -12.81 10.64
CA VAL A 29 -11.08 -12.11 9.38
C VAL A 29 -11.56 -10.70 9.67
N PHE A 30 -10.94 -9.69 9.07
CA PHE A 30 -11.43 -8.32 9.21
C PHE A 30 -12.11 -7.85 7.92
N ARG A 31 -13.30 -7.28 8.05
CA ARG A 31 -14.02 -6.68 6.91
C ARG A 31 -14.37 -5.24 7.22
N GLU A 32 -14.47 -4.42 6.19
CA GLU A 32 -14.91 -3.04 6.36
C GLU A 32 -16.31 -3.01 6.98
N ALA A 33 -16.40 -2.46 8.17
CA ALA A 33 -17.60 -2.56 9.01
C ALA A 33 -18.91 -2.05 8.39
N ASN A 34 -18.87 -0.89 7.73
CA ASN A 34 -20.09 -0.29 7.21
C ASN A 34 -20.41 -0.63 5.75
N GLU A 35 -19.49 -1.31 5.08
CA GLU A 35 -19.62 -1.58 3.66
C GLU A 35 -20.40 -2.86 3.35
N ASP A 36 -21.03 -2.89 2.18
CA ASP A 36 -21.58 -4.14 1.67
C ASP A 36 -20.50 -4.93 0.93
N GLU A 37 -19.48 -4.23 0.43
CA GLU A 37 -18.35 -4.89 -0.20
C GLU A 37 -17.03 -4.38 0.41
N SER A 38 -16.31 -5.26 1.08
CA SER A 38 -15.05 -4.87 1.72
C SER A 38 -14.03 -4.48 0.64
N GLY A 39 -13.28 -3.40 0.87
CA GLY A 39 -12.34 -2.93 -0.15
C GLY A 39 -10.93 -2.60 0.35
N PHE A 40 -10.38 -3.47 1.20
CA PHE A 40 -9.01 -3.29 1.70
C PHE A 40 -7.98 -3.46 0.57
N THR A 41 -6.88 -2.72 0.62
CA THR A 41 -5.86 -2.80 -0.42
C THR A 41 -4.43 -2.88 0.11
N CYS A 42 -4.28 -2.69 1.42
CA CYS A 42 -2.96 -2.52 2.04
C CYS A 42 -3.01 -2.67 3.56
N CYS A 43 -1.99 -3.32 4.14
CA CYS A 43 -1.91 -3.55 5.60
C CYS A 43 -0.54 -3.31 6.27
N ALA A 44 -0.57 -2.88 7.53
CA ALA A 44 0.64 -2.80 8.34
C ALA A 44 0.27 -2.80 9.83
N PHE A 45 1.12 -3.40 10.65
CA PHE A 45 0.97 -3.30 12.10
C PHE A 45 1.40 -1.91 12.59
N SER A 46 0.72 -1.40 13.61
CA SER A 46 1.12 -0.15 14.25
C SER A 46 2.46 -0.36 14.95
N ALA A 47 3.11 0.73 15.36
CA ALA A 47 4.42 0.64 16.01
C ALA A 47 4.46 -0.32 17.21
N ARG A 48 3.41 -0.31 18.03
CA ARG A 48 3.36 -1.25 19.15
C ARG A 48 2.43 -2.45 18.94
N GLU A 49 1.92 -2.60 17.73
CA GLU A 49 1.19 -3.80 17.33
C GLU A 49 -0.11 -4.07 18.09
N ARG A 50 -0.67 -3.06 18.73
CA ARG A 50 -2.01 -3.17 19.28
C ARG A 50 -3.01 -3.14 18.12
N PHE A 51 -2.67 -2.41 17.06
CA PHE A 51 -3.60 -2.23 15.95
C PHE A 51 -3.06 -2.74 14.63
N LEU A 52 -3.98 -3.25 13.81
CA LEU A 52 -3.73 -3.49 12.40
C LEU A 52 -4.20 -2.24 11.62
N MET A 53 -3.35 -1.71 10.74
CA MET A 53 -3.71 -0.55 9.89
C MET A 53 -4.03 -1.04 8.48
N LEU A 54 -5.18 -0.63 7.98
CA LEU A 54 -5.68 -1.13 6.71
C LEU A 54 -6.10 0.03 5.82
N GLY A 55 -5.46 0.15 4.65
CA GLY A 55 -5.89 1.12 3.65
C GLY A 55 -7.02 0.56 2.79
N THR A 56 -7.80 1.44 2.18
CA THR A 56 -8.95 1.03 1.36
C THR A 56 -8.88 1.59 -0.05
N CYS A 57 -9.73 1.05 -0.92
CA CYS A 57 -9.66 1.38 -2.33
C CYS A 57 -10.06 2.83 -2.57
N THR A 58 -10.82 3.41 -1.65
CA THR A 58 -11.20 4.82 -1.84
C THR A 58 -10.28 5.87 -1.19
N GLY A 59 -9.19 5.43 -0.55
CA GLY A 59 -8.25 6.37 0.05
C GLY A 59 -8.41 6.64 1.54
N GLN A 60 -9.25 5.86 2.23
CA GLN A 60 -9.34 5.95 3.69
C GLN A 60 -8.43 4.93 4.35
N LEU A 61 -8.23 5.12 5.65
CA LEU A 61 -7.35 4.25 6.44
C LEU A 61 -8.13 3.86 7.69
N LYS A 62 -8.22 2.55 7.96
CA LYS A 62 -9.00 2.07 9.10
C LYS A 62 -8.12 1.33 10.12
N LEU A 63 -8.32 1.60 11.41
CA LEU A 63 -7.50 0.92 12.42
C LEU A 63 -8.33 -0.04 13.26
N TYR A 64 -7.93 -1.31 13.26
CA TYR A 64 -8.65 -2.35 13.98
C TYR A 64 -7.84 -2.84 15.16
N ASN A 65 -8.49 -2.96 16.29
CA ASN A 65 -7.85 -3.50 17.49
C ASN A 65 -7.68 -5.01 17.31
N VAL A 66 -6.44 -5.48 17.30
CA VAL A 66 -6.17 -6.89 17.03
C VAL A 66 -6.83 -7.85 18.04
N PHE A 67 -6.81 -7.47 19.30
CA PHE A 67 -7.36 -8.32 20.36
C PHE A 67 -8.89 -8.43 20.28
N SER A 68 -9.57 -7.30 20.08
CA SER A 68 -11.02 -7.25 20.18
C SER A 68 -11.73 -7.26 18.81
N GLY A 69 -11.01 -6.93 17.75
CA GLY A 69 -11.59 -6.93 16.42
C GLY A 69 -12.37 -5.67 16.08
N GLN A 70 -12.48 -4.76 17.05
CA GLN A 70 -13.22 -3.52 16.82
C GLN A 70 -12.46 -2.54 15.95
N GLU A 71 -13.17 -1.91 15.02
CA GLU A 71 -12.64 -0.75 14.32
C GLU A 71 -12.60 0.39 15.35
N GLU A 72 -11.52 1.15 15.42
CA GLU A 72 -11.42 2.22 16.40
C GLU A 72 -11.28 3.62 15.83
N ALA A 73 -10.83 3.72 14.58
CA ALA A 73 -10.73 5.03 13.94
C ALA A 73 -10.73 4.91 12.42
N SER A 74 -11.26 5.94 11.75
CA SER A 74 -11.19 6.03 10.31
C SER A 74 -10.65 7.39 9.89
N TYR A 75 -9.68 7.41 8.98
CA TYR A 75 -9.13 8.68 8.51
C TYR A 75 -9.29 8.82 7.01
N ASN A 76 -9.38 10.07 6.54
CA ASN A 76 -9.45 10.36 5.11
C ASN A 76 -8.11 10.90 4.60
N CYS A 77 -7.37 10.08 3.87
CA CYS A 77 -6.00 10.46 3.50
C CYS A 77 -5.86 10.87 2.04
N HIS A 78 -6.40 10.06 1.13
CA HIS A 78 -6.21 10.29 -0.30
C HIS A 78 -7.50 10.11 -1.06
N ASN A 79 -7.43 10.26 -2.37
CA ASN A 79 -8.60 10.10 -3.23
C ASN A 79 -8.55 8.86 -4.13
N SER A 80 -7.67 7.92 -3.80
CA SER A 80 -7.54 6.70 -4.58
C SER A 80 -6.91 5.64 -3.69
N ALA A 81 -6.77 4.43 -4.23
CA ALA A 81 -6.42 3.25 -3.44
C ALA A 81 -5.06 3.34 -2.74
N ILE A 82 -5.02 3.07 -1.43
CA ILE A 82 -3.76 3.04 -0.70
C ILE A 82 -2.88 1.87 -1.17
N THR A 83 -1.63 2.17 -1.53
CA THR A 83 -0.71 1.15 -2.02
C THR A 83 0.43 0.84 -1.04
N HIS A 84 0.70 1.73 -0.10
CA HIS A 84 1.83 1.54 0.81
C HIS A 84 1.58 2.27 2.13
N LEU A 85 1.95 1.63 3.24
CA LEU A 85 1.83 2.23 4.57
C LEU A 85 3.12 1.93 5.36
N GLU A 86 3.65 2.91 6.08
CA GLU A 86 4.83 2.67 6.92
C GLU A 86 4.79 3.57 8.14
N PRO A 87 4.47 3.00 9.31
CA PRO A 87 4.54 3.73 10.59
C PRO A 87 6.01 3.96 10.95
N SER A 88 6.32 5.08 11.59
CA SER A 88 7.69 5.32 12.05
C SER A 88 7.96 4.45 13.26
N ARG A 89 9.22 4.21 13.57
CA ARG A 89 9.56 3.32 14.67
C ARG A 89 8.97 3.75 16.02
N ASP A 90 8.87 5.05 16.26
CA ASP A 90 8.32 5.54 17.52
C ASP A 90 6.79 5.66 17.52
N GLY A 91 6.18 5.63 16.35
CA GLY A 91 4.73 5.67 16.28
C GLY A 91 4.14 7.05 16.18
N SER A 92 4.99 8.06 16.03
CA SER A 92 4.55 9.44 15.98
C SER A 92 4.30 9.88 14.54
N LEU A 93 4.80 9.11 13.57
CA LEU A 93 4.66 9.48 12.16
C LEU A 93 4.22 8.31 11.27
N LEU A 94 3.63 8.63 10.12
CA LEU A 94 3.15 7.61 9.20
C LEU A 94 3.29 8.11 7.77
N LEU A 95 3.87 7.27 6.89
CA LEU A 95 3.94 7.53 5.45
C LEU A 95 2.85 6.76 4.69
N THR A 96 2.25 7.41 3.67
CA THR A 96 1.26 6.76 2.81
C THR A 96 1.54 7.00 1.34
N SER A 97 1.15 6.07 0.48
CA SER A 97 1.14 6.34 -0.94
C SER A 97 -0.18 5.87 -1.53
N ALA A 98 -0.61 6.47 -2.63
CA ALA A 98 -1.89 6.13 -3.23
C ALA A 98 -1.71 5.64 -4.67
N THR A 99 -2.68 5.87 -5.55
CA THR A 99 -2.63 5.24 -6.88
C THR A 99 -2.58 6.23 -8.05
N TRP A 100 -3.55 7.14 -8.17
CA TRP A 100 -3.54 8.09 -9.30
C TRP A 100 -3.81 9.53 -8.90
N SER A 101 -4.39 9.75 -7.73
CA SER A 101 -4.75 11.09 -7.32
C SER A 101 -3.57 11.82 -6.67
N GLN A 102 -3.31 13.05 -7.08
CA GLN A 102 -2.31 13.88 -6.43
C GLN A 102 -2.95 14.54 -5.22
N PRO A 103 -2.22 14.62 -4.09
CA PRO A 103 -0.84 14.12 -3.94
C PRO A 103 -0.77 12.60 -3.80
N LEU A 104 0.14 11.96 -4.53
CA LEU A 104 0.32 10.51 -4.50
C LEU A 104 0.89 9.99 -3.19
N SER A 105 1.69 10.81 -2.50
CA SER A 105 2.23 10.39 -1.21
C SER A 105 2.18 11.52 -0.20
N ALA A 106 2.30 11.18 1.07
CA ALA A 106 2.22 12.21 2.11
C ALA A 106 2.76 11.72 3.43
N LEU A 107 2.92 12.66 4.37
CA LEU A 107 3.43 12.35 5.68
C LEU A 107 2.44 12.85 6.74
N TRP A 108 2.00 11.94 7.62
CA TRP A 108 0.98 12.28 8.60
C TRP A 108 1.53 12.20 10.03
N GLY A 109 0.95 12.98 10.93
CA GLY A 109 1.31 12.89 12.34
C GLY A 109 0.28 12.04 13.09
N MET A 110 0.73 11.34 14.13
CA MET A 110 -0.12 10.36 14.80
C MET A 110 -0.15 10.56 16.32
N LYS A 111 0.06 11.80 16.77
CA LYS A 111 -0.02 12.08 18.20
C LYS A 111 -1.46 12.29 18.71
N SER A 112 -1.76 13.47 19.22
CA SER A 112 -3.09 13.71 19.82
C SER A 112 -4.18 13.91 18.76
N VAL A 113 -3.74 14.36 17.60
CA VAL A 113 -4.61 14.66 16.48
C VAL A 113 -3.99 14.00 15.23
N PHE A 114 -4.81 13.50 14.31
CA PHE A 114 -4.29 13.01 13.02
C PHE A 114 -4.21 14.16 12.04
N ASP A 115 -3.01 14.49 11.58
CA ASP A 115 -2.85 15.66 10.69
C ASP A 115 -1.84 15.44 9.56
N MET A 116 -1.99 16.21 8.49
CA MET A 116 -1.07 16.12 7.37
C MET A 116 0.06 17.11 7.55
N LYS A 117 1.28 16.62 7.37
CA LYS A 117 2.47 17.43 7.58
C LYS A 117 3.13 17.87 6.29
N HIS A 118 3.25 16.94 5.34
CA HIS A 118 3.89 17.27 4.06
C HIS A 118 3.29 16.47 2.91
N SER A 119 3.36 17.04 1.71
CA SER A 119 2.87 16.40 0.51
C SER A 119 4.04 16.05 -0.37
N PHE A 120 3.96 14.93 -1.07
CA PHE A 120 4.95 14.58 -2.06
C PHE A 120 4.15 14.33 -3.33
N THR A 121 3.74 15.43 -3.94
CA THR A 121 2.67 15.42 -4.92
C THR A 121 2.87 14.46 -6.10
N GLU A 122 4.11 14.29 -6.55
CA GLU A 122 4.38 13.39 -7.66
C GLU A 122 5.09 12.06 -7.34
N ASP A 123 5.39 11.78 -6.07
CA ASP A 123 6.09 10.55 -5.71
C ASP A 123 5.15 9.37 -5.46
N HIS A 124 5.29 8.32 -6.27
CA HIS A 124 4.40 7.14 -6.19
C HIS A 124 4.81 6.16 -5.09
N TYR A 125 6.00 6.31 -4.52
CA TYR A 125 6.44 5.45 -3.42
C TYR A 125 7.33 6.24 -2.49
N VAL A 126 7.35 5.85 -1.23
CA VAL A 126 7.96 6.70 -0.23
C VAL A 126 8.35 5.86 1.01
N GLU A 127 9.50 6.18 1.61
CA GLU A 127 10.11 5.31 2.61
C GLU A 127 10.94 6.14 3.60
N PHE A 128 10.97 5.75 4.88
CA PHE A 128 11.82 6.43 5.87
C PHE A 128 13.28 6.01 5.70
N SER A 129 14.21 6.88 6.09
CA SER A 129 15.60 6.44 6.22
C SER A 129 15.65 5.36 7.30
N LYS A 130 16.69 4.54 7.27
CA LYS A 130 16.69 3.30 8.06
C LYS A 130 17.38 3.38 9.42
N HIS A 131 18.43 4.20 9.55
CA HIS A 131 19.18 4.26 10.80
C HIS A 131 18.53 5.23 11.78
N SER A 132 18.65 6.51 11.51
CA SER A 132 17.79 7.50 12.16
C SER A 132 16.73 7.91 11.14
N GLN A 133 15.48 8.06 11.58
CA GLN A 133 14.40 8.37 10.65
C GLN A 133 14.14 9.87 10.61
N ASP A 134 15.14 10.63 10.17
CA ASP A 134 15.00 12.08 10.04
C ASP A 134 14.84 12.47 8.57
N ARG A 135 14.74 11.45 7.70
CA ARG A 135 14.63 11.69 6.26
C ARG A 135 13.63 10.76 5.59
N VAL A 136 13.12 11.21 4.45
CA VAL A 136 12.26 10.40 3.60
C VAL A 136 12.85 10.30 2.20
N ILE A 137 12.90 9.08 1.66
CA ILE A 137 13.25 8.89 0.25
C ILE A 137 12.01 8.61 -0.62
N GLY A 138 11.85 9.40 -1.68
CA GLY A 138 10.67 9.31 -2.53
C GLY A 138 11.06 8.90 -3.94
N THR A 139 10.11 8.32 -4.67
CA THR A 139 10.39 7.86 -6.02
C THR A 139 9.39 8.43 -7.03
N LYS A 140 9.90 9.06 -8.09
CA LYS A 140 9.06 9.57 -9.17
C LYS A 140 9.56 9.00 -10.49
N GLY A 141 8.83 8.03 -11.04
CA GLY A 141 9.29 7.29 -12.19
C GLY A 141 10.70 6.74 -11.92
N ASP A 142 11.68 7.24 -12.68
CA ASP A 142 13.06 6.75 -12.61
C ASP A 142 13.93 7.60 -11.71
N ILE A 143 13.30 8.55 -11.03
CA ILE A 143 14.04 9.54 -10.27
C ILE A 143 13.79 9.35 -8.80
N ALA A 144 14.86 9.50 -8.01
CA ALA A 144 14.75 9.47 -6.56
C ALA A 144 14.91 10.87 -5.96
N HIS A 145 14.07 11.18 -4.97
CA HIS A 145 14.19 12.44 -4.23
C HIS A 145 14.41 12.12 -2.75
N ILE A 146 15.25 12.90 -2.08
CA ILE A 146 15.42 12.77 -0.63
C ILE A 146 14.95 14.05 0.06
N TYR A 147 14.10 13.90 1.07
CA TYR A 147 13.52 15.04 1.79
C TYR A 147 13.91 15.06 3.25
N ASP A 148 13.97 16.26 3.84
CA ASP A 148 14.18 16.38 5.28
C ASP A 148 12.82 16.42 5.98
N ILE A 149 12.65 15.59 7.00
CA ILE A 149 11.35 15.48 7.66
C ILE A 149 10.82 16.77 8.32
N GLN A 150 11.69 17.53 8.98
CA GLN A 150 11.23 18.76 9.66
C GLN A 150 10.73 19.82 8.68
N THR A 151 11.56 20.17 7.71
CA THR A 151 11.23 21.23 6.76
C THR A 151 10.31 20.78 5.63
N GLY A 152 10.53 19.59 5.12
CA GLY A 152 9.83 19.13 3.93
C GLY A 152 10.67 19.42 2.71
N ASN A 153 11.71 20.22 2.90
CA ASN A 153 12.55 20.64 1.79
C ASN A 153 13.31 19.48 1.11
N LYS A 154 13.39 19.54 -0.21
CA LYS A 154 14.13 18.55 -1.00
C LYS A 154 15.65 18.77 -0.85
N LEU A 155 16.34 17.77 -0.32
CA LEU A 155 17.79 17.85 -0.12
C LEU A 155 18.59 17.47 -1.36
N LEU A 156 18.19 16.41 -2.07
CA LEU A 156 18.84 16.08 -3.34
C LEU A 156 18.01 15.19 -4.23
N THR A 157 18.28 15.25 -5.53
CA THR A 157 17.67 14.33 -6.48
C THR A 157 18.75 13.48 -7.14
N LEU A 158 18.54 12.16 -7.14
CA LEU A 158 19.46 11.22 -7.75
C LEU A 158 18.88 10.72 -9.07
N PHE A 159 19.62 10.95 -10.16
CA PHE A 159 19.22 10.50 -11.49
C PHE A 159 20.37 10.59 -12.47
N ASN A 160 20.48 9.59 -13.34
CA ASN A 160 21.49 9.57 -14.39
C ASN A 160 20.92 8.83 -15.61
N PRO A 161 20.62 9.57 -16.68
CA PRO A 161 19.98 9.02 -17.88
C PRO A 161 20.82 7.98 -18.62
N ASP A 162 22.14 8.01 -18.47
CA ASP A 162 23.01 7.05 -19.12
C ASP A 162 23.06 5.72 -18.38
N LEU A 163 22.57 5.71 -17.14
CA LEU A 163 22.74 4.55 -16.27
C LEU A 163 21.41 3.88 -15.88
N ALA A 164 20.30 4.54 -16.20
CA ALA A 164 18.98 4.05 -15.83
C ALA A 164 18.66 2.69 -16.45
N ASN A 165 17.91 1.86 -15.72
CA ASN A 165 17.41 0.59 -16.25
C ASN A 165 15.94 0.66 -16.64
N ASN A 166 15.26 1.71 -16.20
CA ASN A 166 13.82 1.89 -16.45
C ASN A 166 12.98 0.69 -16.04
N TYR A 167 13.19 0.19 -14.83
CA TYR A 167 12.34 -0.88 -14.30
C TYR A 167 10.91 -0.36 -14.17
N LYS A 168 9.94 -1.18 -14.50
CA LYS A 168 8.54 -0.74 -14.45
C LYS A 168 7.99 -0.50 -13.02
N ARG A 169 8.50 -1.22 -12.03
CA ARG A 169 8.06 -1.03 -10.65
C ARG A 169 9.17 -0.46 -9.78
N ASN A 170 9.96 0.44 -10.35
CA ASN A 170 11.06 1.02 -9.60
C ASN A 170 10.65 1.61 -8.23
N CYS A 171 11.35 1.19 -7.15
CA CYS A 171 11.16 1.80 -5.83
C CYS A 171 12.49 2.06 -5.12
N ALA A 172 12.91 3.32 -5.09
CA ALA A 172 14.18 3.68 -4.48
C ALA A 172 14.16 3.38 -2.98
N THR A 173 15.35 3.14 -2.41
CA THR A 173 15.45 2.68 -1.04
C THR A 173 16.85 2.91 -0.42
N PHE A 174 16.89 3.16 0.89
CA PHE A 174 18.15 3.27 1.62
C PHE A 174 18.68 1.89 2.02
N ASN A 175 19.99 1.78 2.19
CA ASN A 175 20.61 0.61 2.85
C ASN A 175 20.53 0.82 4.36
N PRO A 176 20.76 -0.23 5.17
CA PRO A 176 20.54 -0.11 6.64
C PRO A 176 21.30 1.01 7.34
N THR A 177 22.44 1.46 6.83
CA THR A 177 23.20 2.51 7.51
C THR A 177 22.96 3.92 6.95
N ASP A 178 22.17 4.01 5.88
CA ASP A 178 21.77 5.28 5.26
C ASP A 178 22.85 5.92 4.39
N ASP A 179 23.96 5.23 4.21
CA ASP A 179 25.07 5.76 3.41
C ASP A 179 24.92 5.47 1.92
N LEU A 180 24.02 4.55 1.57
CA LEU A 180 23.86 4.09 0.19
C LEU A 180 22.40 4.16 -0.25
N VAL A 181 22.17 4.40 -1.53
CA VAL A 181 20.82 4.33 -2.08
C VAL A 181 20.80 3.45 -3.34
N LEU A 182 19.78 2.59 -3.41
CA LEU A 182 19.52 1.81 -4.61
C LEU A 182 18.35 2.43 -5.36
N ASN A 183 18.54 2.75 -6.64
CA ASN A 183 17.46 3.33 -7.44
C ASN A 183 17.57 2.94 -8.90
N ASP A 184 16.52 2.32 -9.42
CA ASP A 184 16.48 1.87 -10.82
C ASP A 184 17.68 0.99 -11.17
N GLY A 185 18.14 0.19 -10.21
CA GLY A 185 19.25 -0.72 -10.43
C GLY A 185 20.62 -0.07 -10.34
N VAL A 186 20.69 1.16 -9.84
CA VAL A 186 21.96 1.88 -9.68
C VAL A 186 22.33 2.14 -8.21
N LEU A 187 23.53 1.72 -7.79
CA LEU A 187 24.03 2.04 -6.44
C LEU A 187 24.52 3.48 -6.42
N TRP A 188 23.96 4.29 -5.52
CA TRP A 188 24.42 5.68 -5.37
C TRP A 188 25.10 5.87 -4.02
N ASP A 189 26.21 6.61 -4.01
CA ASP A 189 26.81 7.03 -2.75
C ASP A 189 26.19 8.35 -2.37
N VAL A 190 25.54 8.41 -1.22
CA VAL A 190 24.78 9.59 -0.83
C VAL A 190 25.66 10.81 -0.57
N ARG A 191 26.72 10.63 0.22
CA ARG A 191 27.60 11.72 0.61
C ARG A 191 28.11 12.52 -0.58
N SER A 192 28.49 11.82 -1.64
CA SER A 192 29.04 12.48 -2.83
C SER A 192 28.06 12.56 -3.99
N ALA A 193 26.87 11.98 -3.83
CA ALA A 193 25.86 11.95 -4.89
C ALA A 193 26.40 11.44 -6.23
N GLN A 194 27.34 10.48 -6.15
CA GLN A 194 27.91 9.88 -7.33
C GLN A 194 27.49 8.43 -7.46
N ALA A 195 27.21 8.00 -8.70
CA ALA A 195 26.89 6.61 -8.97
C ALA A 195 28.13 5.71 -8.82
N ILE A 196 28.00 4.65 -8.01
CA ILE A 196 29.09 3.71 -7.72
C ILE A 196 29.10 2.46 -8.63
N HIS A 197 27.92 1.95 -8.96
CA HIS A 197 27.81 0.73 -9.76
C HIS A 197 26.42 0.64 -10.39
N LYS A 198 26.33 -0.10 -11.49
CA LYS A 198 25.04 -0.31 -12.13
C LYS A 198 24.88 -1.80 -12.29
N PHE A 199 23.83 -2.37 -11.69
CA PHE A 199 23.65 -3.83 -11.71
C PHE A 199 23.08 -4.29 -13.05
N ASP A 200 23.50 -5.47 -13.50
CA ASP A 200 23.04 -6.03 -14.75
C ASP A 200 21.51 -6.17 -14.75
N LYS A 201 20.88 -5.96 -15.90
CA LYS A 201 19.43 -6.08 -16.00
C LYS A 201 19.02 -7.44 -16.54
N PHE A 202 18.24 -8.21 -15.76
CA PHE A 202 17.74 -9.52 -16.18
C PHE A 202 16.22 -9.64 -16.14
N ASN A 203 15.53 -8.59 -15.74
CA ASN A 203 14.06 -8.60 -15.79
C ASN A 203 13.55 -7.19 -16.13
N MET A 204 12.25 -7.04 -16.39
CA MET A 204 11.71 -5.73 -16.78
C MET A 204 11.08 -4.92 -15.65
N ASN A 205 10.84 -5.56 -14.50
CA ASN A 205 9.98 -4.96 -13.47
C ASN A 205 10.62 -4.58 -12.14
N ILE A 206 11.25 -5.57 -11.50
CA ILE A 206 11.70 -5.45 -10.12
C ILE A 206 13.05 -4.78 -10.03
N SER A 207 13.14 -3.68 -9.26
CA SER A 207 14.38 -2.91 -9.20
C SER A 207 15.32 -3.33 -8.06
N GLY A 208 14.79 -3.91 -7.00
CA GLY A 208 15.68 -4.51 -6.00
C GLY A 208 15.70 -3.95 -4.60
N VAL A 209 16.28 -4.73 -3.69
CA VAL A 209 16.20 -4.48 -2.26
C VAL A 209 17.50 -4.83 -1.53
N PHE A 210 17.83 -4.07 -0.48
CA PHE A 210 18.94 -4.42 0.41
C PHE A 210 18.54 -5.50 1.43
N HIS A 211 19.40 -6.49 1.65
CA HIS A 211 19.23 -7.42 2.78
C HIS A 211 19.51 -6.66 4.11
N PRO A 212 18.67 -6.86 5.13
CA PRO A 212 18.94 -6.26 6.46
C PRO A 212 20.34 -6.55 7.01
N ASN A 213 21.01 -7.61 6.56
CA ASN A 213 22.36 -7.90 7.05
C ASN A 213 23.41 -6.89 6.58
N GLY A 214 23.03 -5.99 5.69
CA GLY A 214 23.94 -4.99 5.16
C GLY A 214 25.02 -5.50 4.21
N LEU A 215 24.95 -6.78 3.82
CA LEU A 215 25.98 -7.37 2.98
C LEU A 215 25.56 -7.73 1.54
N GLU A 216 24.26 -7.85 1.30
CA GLU A 216 23.79 -8.33 0.00
C GLU A 216 22.70 -7.46 -0.61
N VAL A 217 22.61 -7.52 -1.92
CA VAL A 217 21.57 -6.84 -2.68
C VAL A 217 20.76 -7.90 -3.42
N ILE A 218 19.44 -7.84 -3.26
CA ILE A 218 18.52 -8.82 -3.83
C ILE A 218 17.68 -8.16 -4.91
N ILE A 219 17.90 -8.55 -6.17
CA ILE A 219 17.20 -7.97 -7.32
C ILE A 219 16.49 -9.06 -8.12
N ASN A 220 15.18 -9.23 -7.89
CA ASN A 220 14.42 -10.33 -8.48
C ASN A 220 15.07 -11.68 -8.14
N THR A 221 15.58 -12.42 -9.14
CA THR A 221 16.15 -13.74 -8.84
C THR A 221 17.65 -13.74 -8.51
N GLU A 222 18.28 -12.57 -8.54
CA GLU A 222 19.74 -12.49 -8.41
C GLU A 222 20.14 -11.93 -7.05
N ILE A 223 21.04 -12.62 -6.35
CA ILE A 223 21.58 -12.07 -5.11
C ILE A 223 23.04 -11.67 -5.33
N TRP A 224 23.32 -10.37 -5.23
CA TRP A 224 24.66 -9.83 -5.46
C TRP A 224 25.39 -9.48 -4.15
N ASP A 225 26.72 -9.56 -4.17
CA ASP A 225 27.54 -9.20 -3.02
C ASP A 225 27.78 -7.69 -3.01
N LEU A 226 27.37 -7.01 -1.93
CA LEU A 226 27.45 -5.53 -1.90
C LEU A 226 28.87 -4.97 -1.96
N ARG A 227 29.85 -5.73 -1.47
CA ARG A 227 31.25 -5.27 -1.44
C ARG A 227 32.03 -5.57 -2.72
N THR A 228 31.80 -6.74 -3.32
CA THR A 228 32.62 -7.15 -4.46
C THR A 228 31.81 -7.26 -5.76
N PHE A 229 30.50 -7.05 -5.67
CA PHE A 229 29.61 -7.11 -6.83
C PHE A 229 29.60 -8.48 -7.53
N HIS A 230 29.96 -9.52 -6.79
CA HIS A 230 29.86 -10.89 -7.29
C HIS A 230 28.41 -11.36 -7.28
N LEU A 231 28.07 -12.26 -8.22
CA LEU A 231 26.79 -12.95 -8.19
C LEU A 231 26.88 -14.16 -7.23
N LEU A 232 26.17 -14.09 -6.10
CA LEU A 232 26.28 -15.10 -5.05
C LEU A 232 25.29 -16.28 -5.16
N HIS A 233 24.01 -15.99 -5.40
CA HIS A 233 22.97 -17.03 -5.47
C HIS A 233 22.05 -16.72 -6.65
N THR A 234 21.41 -17.75 -7.21
CA THR A 234 20.31 -17.59 -8.16
C THR A 234 19.11 -18.30 -7.53
N VAL A 235 18.04 -17.57 -7.21
CA VAL A 235 16.87 -18.16 -6.55
C VAL A 235 15.64 -18.07 -7.45
N PRO A 236 15.42 -19.10 -8.29
CA PRO A 236 14.35 -19.01 -9.29
C PRO A 236 12.95 -18.81 -8.72
N ALA A 237 12.68 -19.34 -7.53
CA ALA A 237 11.33 -19.23 -6.98
C ALA A 237 10.98 -17.81 -6.52
N LEU A 238 11.92 -16.85 -6.65
CA LEU A 238 11.64 -15.46 -6.29
C LEU A 238 11.13 -14.60 -7.46
N ASP A 239 11.18 -15.14 -8.69
CA ASP A 239 10.80 -14.41 -9.91
C ASP A 239 9.46 -13.63 -9.83
N GLN A 240 9.53 -12.31 -10.01
CA GLN A 240 8.36 -11.41 -10.01
C GLN A 240 7.62 -11.31 -8.66
N CYS A 241 8.22 -11.87 -7.61
CA CYS A 241 7.65 -11.79 -6.26
C CYS A 241 7.88 -10.46 -5.55
N ARG A 242 6.89 -10.02 -4.78
CA ARG A 242 7.06 -8.86 -3.92
C ARG A 242 7.60 -9.36 -2.57
N VAL A 243 8.76 -8.86 -2.16
CA VAL A 243 9.51 -9.42 -1.03
C VAL A 243 9.32 -8.66 0.28
N VAL A 244 9.13 -9.39 1.37
CA VAL A 244 9.08 -8.81 2.72
C VAL A 244 9.94 -9.64 3.70
N PHE A 245 10.73 -8.96 4.53
CA PHE A 245 11.52 -9.65 5.55
C PHE A 245 10.82 -9.60 6.88
N ASN A 246 11.03 -10.60 7.72
CA ASN A 246 10.60 -10.49 9.11
C ASN A 246 11.56 -9.58 9.87
N HIS A 247 11.25 -9.33 11.13
CA HIS A 247 11.97 -8.34 11.95
C HIS A 247 13.47 -8.59 12.11
N THR A 248 13.88 -9.84 12.23
CA THR A 248 15.29 -10.15 12.48
C THR A 248 16.10 -10.46 11.24
N GLY A 249 15.48 -10.39 10.06
CA GLY A 249 16.18 -10.70 8.82
C GLY A 249 16.56 -12.17 8.64
N THR A 250 15.83 -13.07 9.31
CA THR A 250 16.07 -14.50 9.15
C THR A 250 15.13 -15.17 8.15
N VAL A 251 13.95 -14.58 7.93
CA VAL A 251 12.97 -15.16 7.02
C VAL A 251 12.46 -14.15 5.99
N MET A 252 12.35 -14.58 4.73
CA MET A 252 11.71 -13.80 3.66
C MET A 252 10.35 -14.36 3.23
N TYR A 253 9.34 -13.50 3.19
CA TYR A 253 8.07 -13.87 2.54
C TYR A 253 8.00 -13.24 1.15
N GLY A 254 7.44 -13.99 0.20
CA GLY A 254 7.24 -13.49 -1.15
C GLY A 254 5.88 -13.86 -1.71
N ALA A 255 5.29 -12.96 -2.50
CA ALA A 255 4.01 -13.23 -3.14
C ALA A 255 4.10 -12.80 -4.59
N MET A 256 3.71 -13.67 -5.50
CA MET A 256 4.00 -13.43 -6.91
C MET A 256 3.02 -12.46 -7.57
N LEU A 257 3.58 -11.50 -8.31
CA LEU A 257 2.79 -10.58 -9.15
C LEU A 257 3.17 -10.77 -10.62
N GLN A 258 2.36 -11.54 -11.35
CA GLN A 258 2.61 -11.87 -12.77
C GLN A 258 2.94 -10.65 -13.63
N SER A 272 -6.75 -10.30 -13.40
CA SER A 272 -5.83 -10.14 -12.27
C SER A 272 -4.63 -11.07 -12.29
N PRO A 273 -3.42 -10.50 -12.15
CA PRO A 273 -2.13 -11.19 -12.19
C PRO A 273 -1.62 -11.61 -10.80
N PHE A 274 -2.38 -11.31 -9.74
CA PHE A 274 -1.96 -11.66 -8.39
C PHE A 274 -2.04 -13.16 -8.11
N GLY A 275 -0.96 -13.73 -7.59
CA GLY A 275 -0.97 -15.14 -7.26
C GLY A 275 -1.82 -15.46 -6.04
N SER A 276 -2.08 -16.74 -5.83
CA SER A 276 -2.89 -17.14 -4.70
C SER A 276 -2.06 -17.84 -3.63
N SER A 277 -0.73 -17.84 -3.82
CA SER A 277 0.15 -18.42 -2.80
C SER A 277 1.22 -17.45 -2.35
N PHE A 278 1.79 -17.73 -1.19
CA PHE A 278 3.01 -17.02 -0.79
C PHE A 278 4.09 -18.05 -0.46
N ARG A 279 5.35 -17.69 -0.58
CA ARG A 279 6.44 -18.64 -0.31
C ARG A 279 7.33 -18.13 0.81
N THR A 280 7.78 -19.03 1.69
CA THR A 280 8.75 -18.63 2.71
C THR A 280 10.17 -19.08 2.39
N PHE A 281 11.15 -18.27 2.74
CA PHE A 281 12.54 -18.62 2.46
C PHE A 281 13.38 -18.41 3.68
N ASN A 282 14.41 -19.25 3.81
CA ASN A 282 15.44 -19.05 4.80
C ASN A 282 16.31 -17.88 4.32
N ALA A 283 16.37 -16.80 5.09
CA ALA A 283 17.10 -15.59 4.63
C ALA A 283 18.63 -15.62 4.78
N THR A 284 19.19 -16.66 5.38
CA THR A 284 20.64 -16.71 5.54
C THR A 284 21.33 -17.54 4.45
N ASP A 285 20.68 -18.61 3.98
CA ASP A 285 21.23 -19.44 2.91
C ASP A 285 20.31 -19.51 1.68
N TYR A 286 19.18 -18.80 1.75
CA TYR A 286 18.26 -18.65 0.62
C TYR A 286 17.53 -19.93 0.23
N LYS A 287 17.55 -20.91 1.12
CA LYS A 287 16.81 -22.16 0.88
C LYS A 287 15.30 -22.02 1.10
N PRO A 288 14.49 -22.57 0.19
CA PRO A 288 13.02 -22.53 0.28
C PRO A 288 12.51 -23.32 1.48
N ILE A 289 11.41 -22.87 2.08
CA ILE A 289 10.85 -23.54 3.25
C ILE A 289 9.48 -24.11 2.95
N ALA A 290 8.57 -23.26 2.46
CA ALA A 290 7.20 -23.69 2.18
C ALA A 290 6.49 -22.83 1.15
N THR A 291 5.41 -23.39 0.61
CA THR A 291 4.52 -22.70 -0.31
C THR A 291 3.12 -22.86 0.27
N ILE A 292 2.43 -21.76 0.50
CA ILE A 292 1.15 -21.84 1.20
C ILE A 292 0.03 -21.31 0.35
N ASP A 293 -0.84 -22.20 -0.11
CA ASP A 293 -1.93 -21.82 -1.00
C ASP A 293 -3.14 -21.35 -0.18
N VAL A 294 -3.60 -20.16 -0.50
CA VAL A 294 -4.60 -19.46 0.29
C VAL A 294 -5.97 -19.42 -0.45
N LYS A 295 -5.95 -19.84 -1.72
CA LYS A 295 -7.15 -19.84 -2.56
C LYS A 295 -7.87 -18.50 -2.67
N ARG A 296 -7.08 -17.42 -2.69
CA ARG A 296 -7.56 -16.06 -2.86
C ARG A 296 -6.44 -15.28 -3.53
N ASN A 297 -6.76 -14.26 -4.32
CA ASN A 297 -5.69 -13.43 -4.88
C ASN A 297 -5.07 -12.56 -3.78
N ILE A 298 -3.74 -12.55 -3.69
CA ILE A 298 -3.05 -11.83 -2.63
C ILE A 298 -2.63 -10.41 -3.05
N PHE A 299 -3.17 -9.39 -2.40
CA PHE A 299 -2.84 -8.00 -2.75
C PHE A 299 -1.66 -7.44 -1.97
N ASP A 300 -1.36 -8.02 -0.80
CA ASP A 300 -0.37 -7.46 0.11
C ASP A 300 -0.23 -8.39 1.33
N LEU A 301 0.84 -8.23 2.10
CA LEU A 301 1.00 -8.96 3.35
C LEU A 301 2.04 -8.29 4.25
N CYS A 302 2.01 -8.62 5.54
CA CYS A 302 2.92 -8.02 6.52
C CYS A 302 3.06 -8.89 7.77
N THR A 303 4.15 -8.68 8.50
CA THR A 303 4.49 -9.50 9.65
C THR A 303 4.68 -8.58 10.85
N ASP A 304 4.39 -9.08 12.05
CA ASP A 304 4.73 -8.34 13.27
C ASP A 304 6.23 -8.44 13.56
N THR A 305 6.66 -7.91 14.69
CA THR A 305 8.05 -8.03 15.13
C THR A 305 8.33 -9.26 16.01
N LYS A 306 7.29 -10.01 16.37
CA LYS A 306 7.47 -11.19 17.24
C LYS A 306 7.43 -12.52 16.49
N ASP A 307 7.23 -12.49 15.18
CA ASP A 307 6.90 -13.71 14.40
C ASP A 307 5.75 -14.48 15.03
N CYS A 308 4.72 -13.74 15.44
CA CYS A 308 3.53 -14.32 16.01
C CYS A 308 2.43 -14.40 14.97
N TYR A 309 2.22 -13.29 14.26
CA TYR A 309 1.13 -13.18 13.31
C TYR A 309 1.60 -12.82 11.90
N LEU A 310 0.85 -13.31 10.91
CA LEU A 310 0.99 -12.84 9.54
C LEU A 310 -0.37 -12.31 9.09
N ALA A 311 -0.40 -11.13 8.49
CA ALA A 311 -1.65 -10.57 7.96
C ALA A 311 -1.63 -10.57 6.43
N VAL A 312 -2.73 -10.98 5.80
CA VAL A 312 -2.78 -11.03 4.34
C VAL A 312 -4.03 -10.34 3.75
N ILE A 313 -3.84 -9.40 2.81
CA ILE A 313 -5.00 -8.87 2.08
C ILE A 313 -5.42 -9.91 1.02
N GLU A 314 -6.68 -10.35 1.09
CA GLU A 314 -7.16 -11.46 0.26
C GLU A 314 -8.43 -11.08 -0.49
N ASN A 315 -8.34 -11.19 -1.82
CA ASN A 315 -9.42 -10.77 -2.70
C ASN A 315 -10.12 -11.95 -3.35
N GLN A 316 -11.42 -11.82 -3.57
CA GLN A 316 -12.16 -12.80 -4.36
C GLN A 316 -13.19 -12.15 -5.28
N GLY A 317 -13.35 -12.71 -6.48
CA GLY A 317 -14.33 -12.21 -7.42
C GLY A 317 -13.64 -11.63 -8.63
N SER A 318 -14.33 -10.75 -9.35
CA SER A 318 -13.79 -10.14 -10.56
C SER A 318 -14.66 -8.98 -11.02
N MET A 319 -14.14 -8.17 -11.93
CA MET A 319 -14.90 -7.06 -12.50
C MET A 319 -16.13 -7.57 -13.23
N ASP A 320 -15.96 -8.69 -13.95
CA ASP A 320 -17.07 -9.27 -14.71
C ASP A 320 -18.29 -9.61 -13.83
N ALA A 321 -18.04 -9.98 -12.58
CA ALA A 321 -19.14 -10.34 -11.69
C ALA A 321 -19.63 -9.17 -10.86
N LEU A 322 -19.10 -7.96 -11.12
CA LEU A 322 -19.41 -6.77 -10.32
C LEU A 322 -19.24 -7.03 -8.82
N ASN A 323 -18.24 -7.83 -8.48
CA ASN A 323 -17.93 -8.15 -7.09
C ASN A 323 -16.43 -8.36 -6.88
N MET A 324 -15.83 -7.48 -6.08
CA MET A 324 -14.40 -7.58 -5.76
C MET A 324 -14.16 -7.54 -4.25
N ASP A 325 -14.85 -8.42 -3.52
CA ASP A 325 -14.78 -8.41 -2.06
C ASP A 325 -13.37 -8.72 -1.58
N THR A 326 -12.79 -7.79 -0.81
CA THR A 326 -11.42 -7.91 -0.38
C THR A 326 -11.24 -7.68 1.12
N VAL A 327 -10.72 -8.71 1.76
CA VAL A 327 -10.78 -8.87 3.21
C VAL A 327 -9.35 -9.01 3.76
N CYS A 328 -9.16 -8.91 5.08
CA CYS A 328 -7.84 -9.22 5.66
C CYS A 328 -7.88 -10.45 6.57
N ARG A 329 -7.10 -11.49 6.26
CA ARG A 329 -7.03 -12.67 7.12
C ARG A 329 -5.80 -12.66 8.03
N LEU A 330 -5.99 -13.04 9.28
CA LEU A 330 -4.90 -13.03 10.26
C LEU A 330 -4.46 -14.48 10.55
N TYR A 331 -3.16 -14.76 10.47
CA TYR A 331 -2.68 -16.14 10.69
C TYR A 331 -1.76 -16.27 11.89
N GLU A 332 -1.87 -17.40 12.57
CA GLU A 332 -0.87 -17.78 13.57
C GLU A 332 0.31 -18.47 12.89
N VAL A 333 1.52 -18.00 13.14
CA VAL A 333 2.73 -18.62 12.60
C VAL A 333 3.22 -19.74 13.52
N GLY A 334 3.62 -20.87 12.93
CA GLY A 334 4.14 -21.97 13.73
C GLY A 334 3.11 -22.95 14.28
N ARG A 335 1.83 -22.71 13.99
CA ARG A 335 0.77 -23.65 14.35
C ARG A 335 0.04 -24.12 13.08
N GLN A 336 -0.41 -25.37 13.05
CA GLN A 336 -1.15 -25.87 11.89
C GLN A 336 -2.59 -26.26 12.26
N ARG B 12 -0.88 0.92 27.27
CA ARG B 12 -1.47 0.64 25.95
C ARG B 12 -1.08 1.70 24.92
N GLU B 13 -1.08 1.30 23.65
CA GLU B 13 -0.91 2.20 22.53
C GLU B 13 -2.16 3.07 22.39
N ARG B 14 -1.98 4.35 22.11
CA ARG B 14 -3.10 5.26 21.85
C ARG B 14 -3.04 5.77 20.40
N ILE B 15 -4.20 6.12 19.84
CA ILE B 15 -4.26 6.69 18.49
C ILE B 15 -5.24 7.86 18.47
N PRO B 16 -5.01 8.84 17.56
CA PRO B 16 -5.92 10.00 17.47
C PRO B 16 -7.31 9.55 17.06
N PRO B 17 -8.34 10.33 17.43
CA PRO B 17 -9.69 10.02 16.95
C PRO B 17 -9.82 10.22 15.46
N GLY B 18 -10.67 9.42 14.81
CA GLY B 18 -10.89 9.53 13.38
C GLY B 18 -11.47 10.84 12.92
N ASN B 19 -11.14 11.22 11.68
CA ASN B 19 -11.68 12.45 11.10
C ASN B 19 -12.72 12.22 9.98
N SER B 20 -12.95 10.96 9.61
CA SER B 20 -13.89 10.65 8.51
C SER B 20 -15.29 11.18 8.81
N GLY B 21 -15.72 11.04 10.06
CA GLY B 21 -17.02 11.52 10.48
C GLY B 21 -17.11 13.04 10.52
N GLU B 22 -15.97 13.73 10.37
CA GLU B 22 -15.97 15.20 10.42
C GLU B 22 -16.27 15.85 9.07
N GLU B 23 -16.28 15.07 8.00
CA GLU B 23 -16.76 15.57 6.71
C GLU B 23 -18.25 15.92 6.86
N THR B 24 -18.73 16.98 6.20
CA THR B 24 -20.16 17.31 6.20
C THR B 24 -20.92 16.56 5.12
N ILE B 25 -22.25 16.52 5.27
CA ILE B 25 -23.11 15.80 4.33
C ILE B 25 -22.96 16.38 2.93
N GLY B 26 -22.97 17.71 2.87
CA GLY B 26 -22.87 18.41 1.61
C GLY B 26 -21.58 18.11 0.90
N GLU B 27 -20.48 18.11 1.66
CA GLU B 27 -19.20 17.87 1.01
C GLU B 27 -19.00 16.40 0.62
N ALA B 28 -19.69 15.48 1.31
CA ALA B 28 -19.63 14.08 0.91
C ALA B 28 -20.25 13.90 -0.49
N PHE B 29 -21.42 14.49 -0.70
CA PHE B 29 -22.06 14.37 -2.02
C PHE B 29 -21.21 14.98 -3.12
N ASP B 30 -20.59 16.13 -2.86
CA ASP B 30 -19.72 16.76 -3.85
C ASP B 30 -18.45 15.93 -4.09
N TRP B 31 -17.92 15.33 -3.04
CA TRP B 31 -16.80 14.41 -3.20
C TRP B 31 -17.18 13.28 -4.15
N LEU B 32 -18.38 12.74 -4.00
CA LEU B 32 -18.77 11.60 -4.82
C LEU B 32 -18.90 12.01 -6.28
N ASP B 33 -19.55 13.14 -6.53
CA ASP B 33 -19.76 13.61 -7.89
C ASP B 33 -18.44 13.96 -8.58
N ARG B 34 -17.61 14.71 -7.87
CA ARG B 34 -16.35 15.15 -8.42
C ARG B 34 -15.41 13.98 -8.70
N THR B 35 -15.32 13.02 -7.77
CA THR B 35 -14.37 11.90 -7.92
C THR B 35 -14.72 10.92 -9.07
N VAL B 36 -16.01 10.65 -9.28
CA VAL B 36 -16.40 9.74 -10.35
C VAL B 36 -16.00 10.32 -11.71
N GLU B 37 -16.18 11.62 -11.87
CA GLU B 37 -15.82 12.28 -13.12
C GLU B 37 -14.31 12.25 -13.32
N GLU B 38 -13.57 12.54 -12.25
CA GLU B 38 -12.12 12.54 -12.33
C GLU B 38 -11.52 11.15 -12.56
N ILE B 39 -12.04 10.13 -11.87
CA ILE B 39 -11.50 8.79 -12.10
C ILE B 39 -11.70 8.34 -13.55
N ASN B 40 -12.85 8.68 -14.14
CA ASN B 40 -13.10 8.34 -15.54
C ASN B 40 -12.10 9.00 -16.51
N ARG B 41 -11.87 10.31 -16.34
CA ARG B 41 -10.91 11.00 -17.17
C ARG B 41 -9.49 10.45 -17.01
N ALA B 42 -9.15 10.03 -15.80
CA ALA B 42 -7.82 9.46 -15.56
C ALA B 42 -7.71 8.05 -16.15
N ALA B 43 -8.74 7.24 -15.94
CA ALA B 43 -8.69 5.83 -16.32
C ALA B 43 -8.61 5.57 -17.82
N VAL B 44 -9.12 6.51 -18.63
CA VAL B 44 -9.08 6.30 -20.09
C VAL B 44 -7.65 6.41 -20.64
N ASN B 45 -6.72 6.90 -19.83
CA ASN B 45 -5.30 6.91 -20.24
C ASN B 45 -4.54 5.65 -19.81
N HIS B 46 -5.22 4.70 -19.19
CA HIS B 46 -4.56 3.49 -18.68
C HIS B 46 -5.32 2.22 -19.04
N LEU B 47 -6.65 2.30 -19.01
CA LEU B 47 -7.48 1.12 -19.22
C LEU B 47 -8.19 1.26 -20.56
N PRO B 48 -8.53 0.12 -21.19
CA PRO B 48 -9.30 0.17 -22.44
C PRO B 48 -10.66 0.86 -22.22
N ARG B 49 -10.92 1.87 -23.05
CA ARG B 49 -12.14 2.67 -22.96
C ARG B 49 -13.42 1.83 -22.92
N GLU B 50 -13.44 0.72 -23.63
CA GLU B 50 -14.67 -0.05 -23.67
C GLU B 50 -14.89 -0.84 -22.38
N LEU B 51 -13.83 -0.97 -21.59
CA LEU B 51 -13.93 -1.66 -20.30
C LEU B 51 -14.67 -0.74 -19.32
N ILE B 52 -14.27 0.53 -19.33
CA ILE B 52 -14.91 1.55 -18.53
C ILE B 52 -16.40 1.65 -18.85
N PHE B 53 -16.72 1.87 -20.13
CA PHE B 53 -18.12 1.91 -20.56
C PHE B 53 -18.91 0.69 -20.13
N GLN B 54 -18.31 -0.49 -20.23
CA GLN B 54 -19.01 -1.72 -19.89
C GLN B 54 -19.30 -1.86 -18.38
N VAL B 55 -18.33 -1.51 -17.55
CA VAL B 55 -18.54 -1.61 -16.11
C VAL B 55 -19.55 -0.57 -15.65
N TRP B 56 -19.50 0.62 -16.25
CA TRP B 56 -20.48 1.65 -15.91
C TRP B 56 -21.92 1.20 -16.22
N ARG B 57 -22.14 0.77 -17.46
CA ARG B 57 -23.48 0.36 -17.89
C ARG B 57 -24.02 -0.85 -17.13
N ARG B 58 -23.15 -1.82 -16.84
CA ARG B 58 -23.61 -3.00 -16.11
C ARG B 58 -23.93 -2.66 -14.65
N SER B 59 -23.08 -1.85 -14.02
CA SER B 59 -23.34 -1.38 -12.67
C SER B 59 -24.69 -0.68 -12.61
N TRP B 60 -24.96 0.16 -13.62
CA TRP B 60 -26.21 0.93 -13.64
C TRP B 60 -27.42 0.00 -13.82
N GLU B 61 -27.31 -0.97 -14.72
CA GLU B 61 -28.43 -1.89 -14.94
C GLU B 61 -28.74 -2.63 -13.65
N TYR B 62 -27.69 -3.11 -12.99
CA TYR B 62 -27.91 -3.93 -11.81
C TYR B 62 -28.45 -3.15 -10.59
N TRP B 63 -27.71 -2.14 -10.12
CA TRP B 63 -28.10 -1.46 -8.88
C TRP B 63 -29.18 -0.41 -9.05
N HIS B 64 -29.16 0.31 -10.17
CA HIS B 64 -30.19 1.33 -10.35
C HIS B 64 -31.50 0.74 -10.89
N ASP B 65 -31.44 0.14 -12.07
CA ASP B 65 -32.64 -0.40 -12.73
C ASP B 65 -33.21 -1.66 -12.05
N GLU B 66 -32.38 -2.65 -11.82
CA GLU B 66 -32.83 -3.90 -11.22
C GLU B 66 -33.08 -3.86 -9.70
N MET B 67 -32.14 -3.34 -8.90
CA MET B 67 -32.29 -3.33 -7.44
C MET B 67 -32.98 -2.07 -6.91
N GLY B 68 -33.15 -1.07 -7.77
CA GLY B 68 -33.78 0.17 -7.36
C GLY B 68 -33.04 1.02 -6.33
N MET B 69 -31.71 0.99 -6.32
CA MET B 69 -30.95 1.86 -5.41
C MET B 69 -30.82 3.30 -5.97
N SER B 70 -30.49 4.25 -5.10
CA SER B 70 -30.32 5.66 -5.49
C SER B 70 -29.20 5.84 -6.52
N VAL B 71 -29.16 6.98 -7.20
CA VAL B 71 -28.06 7.23 -8.12
C VAL B 71 -26.74 7.39 -7.36
N SER B 72 -26.81 7.87 -6.13
CA SER B 72 -25.62 8.03 -5.30
C SER B 72 -25.01 6.68 -4.90
N TYR B 73 -25.85 5.78 -4.41
CA TYR B 73 -25.37 4.45 -4.07
C TYR B 73 -24.79 3.77 -5.32
N THR B 74 -25.49 3.89 -6.44
CA THR B 74 -25.07 3.26 -7.69
C THR B 74 -23.71 3.78 -8.12
N LYS B 75 -23.53 5.10 -8.09
CA LYS B 75 -22.23 5.68 -8.45
C LYS B 75 -21.13 5.19 -7.52
N TYR B 76 -21.48 4.98 -6.25
CA TYR B 76 -20.47 4.59 -5.27
C TYR B 76 -19.97 3.15 -5.47
N ARG B 77 -20.89 2.20 -5.70
CA ARG B 77 -20.46 0.83 -6.02
C ARG B 77 -19.59 0.82 -7.29
N TYR B 78 -19.94 1.68 -8.25
CA TYR B 78 -19.17 1.74 -9.48
C TYR B 78 -17.75 2.27 -9.22
N LEU B 79 -17.65 3.36 -8.45
CA LEU B 79 -16.35 3.96 -8.13
C LEU B 79 -15.43 2.94 -7.47
N CYS B 80 -15.94 2.19 -6.50
CA CYS B 80 -15.10 1.22 -5.78
C CYS B 80 -14.51 0.18 -6.74
N LEU B 81 -15.29 -0.25 -7.73
CA LEU B 81 -14.80 -1.21 -8.73
C LEU B 81 -13.68 -0.62 -9.61
N ILE B 82 -13.85 0.64 -10.03
CA ILE B 82 -12.83 1.28 -10.86
C ILE B 82 -11.57 1.57 -10.05
N GLN B 83 -11.74 1.94 -8.77
CA GLN B 83 -10.57 2.19 -7.93
C GLN B 83 -9.76 0.91 -7.81
N LYS B 84 -10.42 -0.25 -7.73
CA LYS B 84 -9.71 -1.53 -7.65
C LYS B 84 -9.02 -1.88 -8.97
N ALA B 85 -9.68 -1.60 -10.09
CA ALA B 85 -9.08 -1.81 -11.40
C ALA B 85 -7.81 -0.97 -11.53
N MET B 86 -7.87 0.29 -11.08
CA MET B 86 -6.71 1.18 -11.18
C MET B 86 -5.59 0.70 -10.28
N PHE B 87 -5.94 0.24 -9.09
CA PHE B 87 -4.96 -0.33 -8.16
C PHE B 87 -4.23 -1.51 -8.82
N MET B 88 -4.97 -2.38 -9.47
CA MET B 88 -4.34 -3.53 -10.12
C MET B 88 -3.41 -3.07 -11.26
N HIS B 89 -3.84 -2.08 -12.02
CA HIS B 89 -3.02 -1.59 -13.13
C HIS B 89 -1.70 -1.00 -12.66
N CYS B 90 -1.75 -0.21 -11.59
CA CYS B 90 -0.55 0.49 -11.14
C CYS B 90 0.43 -0.40 -10.38
N LYS B 91 -0.07 -1.41 -9.68
CA LYS B 91 0.79 -2.38 -9.02
C LYS B 91 1.65 -3.16 -10.02
N LYS B 92 1.08 -3.47 -11.18
CA LYS B 92 1.85 -4.15 -12.22
C LYS B 92 2.97 -3.27 -12.79
N GLY B 93 2.84 -1.95 -12.61
CA GLY B 93 3.83 -1.05 -13.15
C GLY B 93 3.31 -0.43 -14.43
N CYS B 94 3.42 0.89 -14.51
CA CYS B 94 2.73 1.64 -15.55
C CYS B 94 3.65 2.55 -16.34
N ARG B 95 3.83 2.23 -17.62
CA ARG B 95 4.53 3.10 -18.56
C ARG B 95 3.55 3.63 -19.62
N CYS B 96 2.42 4.15 -19.16
CA CYS B 96 1.39 4.65 -20.06
C CYS B 96 1.67 6.09 -20.52
N LEU B 97 1.35 6.37 -21.78
CA LEU B 97 1.53 7.70 -22.34
C LEU B 97 0.52 8.69 -21.75
N ARG B 107 -9.59 17.98 -4.36
CA ARG B 107 -8.87 19.26 -4.22
C ARG B 107 -9.02 19.92 -2.84
N PRO B 108 -10.24 19.93 -2.26
CA PRO B 108 -10.23 20.25 -0.83
C PRO B 108 -9.55 19.11 -0.09
N GLY B 109 -8.69 19.42 0.86
CA GLY B 109 -7.92 18.41 1.55
C GLY B 109 -8.74 17.55 2.51
N PRO B 110 -8.08 17.03 3.55
CA PRO B 110 -8.76 16.21 4.57
C PRO B 110 -9.65 17.07 5.47
N PRO B 111 -10.73 16.50 6.01
CA PRO B 111 -11.60 17.23 6.95
C PRO B 111 -10.84 17.43 8.24
N PRO B 112 -11.24 18.39 9.09
CA PRO B 112 -10.49 18.69 10.31
C PRO B 112 -10.62 17.60 11.36
N PRO B 113 -9.68 17.54 12.31
CA PRO B 113 -9.89 16.63 13.45
C PRO B 113 -11.15 17.06 14.20
N PRO B 114 -11.81 16.12 14.90
CA PRO B 114 -12.87 16.54 15.80
C PRO B 114 -12.24 17.33 16.96
N PRO B 115 -13.03 18.14 17.68
CA PRO B 115 -12.39 18.90 18.78
C PRO B 115 -11.97 17.96 19.91
N PRO B 116 -10.72 18.10 20.39
CA PRO B 116 -10.18 17.14 21.36
C PRO B 116 -11.00 17.07 22.63
N GLY B 117 -11.22 15.85 23.13
CA GLY B 117 -12.07 15.64 24.29
C GLY B 117 -13.52 15.36 23.99
N LEU B 118 -13.97 15.69 22.77
CA LEU B 118 -15.34 15.44 22.36
C LEU B 118 -15.46 14.36 21.27
N ASN C 51 -25.24 21.71 2.90
CA ASN C 51 -25.65 21.17 4.19
C ASN C 51 -24.45 20.96 5.12
N PRO C 52 -24.41 21.73 6.24
CA PRO C 52 -23.25 21.79 7.15
C PRO C 52 -23.34 20.81 8.35
N THR C 53 -24.30 19.91 8.33
CA THR C 53 -24.34 18.80 9.30
C THR C 53 -23.16 17.82 9.09
N ARG C 54 -22.41 17.53 10.15
CA ARG C 54 -21.32 16.56 10.05
C ARG C 54 -21.85 15.12 9.96
N LEU C 55 -21.13 14.24 9.26
CA LEU C 55 -21.54 12.83 9.18
C LEU C 55 -21.72 12.22 10.56
N ARG C 56 -20.79 12.51 11.48
CA ARG C 56 -20.88 12.00 12.85
C ARG C 56 -22.16 12.47 13.58
N GLU C 57 -22.54 13.74 13.41
CA GLU C 57 -23.80 14.28 13.97
C GLU C 57 -25.00 13.45 13.55
N ALA C 58 -24.95 12.92 12.33
CA ALA C 58 -26.09 12.21 11.76
C ALA C 58 -26.03 10.72 12.00
N SER C 59 -24.98 10.25 12.68
CA SER C 59 -24.73 8.81 12.85
C SER C 59 -24.68 8.05 11.52
N LYS C 60 -24.07 8.67 10.52
CA LYS C 60 -23.96 8.07 9.19
C LYS C 60 -22.49 7.93 8.76
N SER C 61 -22.20 6.85 8.04
CA SER C 61 -20.99 6.77 7.24
C SER C 61 -21.34 7.21 5.83
N ARG C 62 -20.33 7.37 4.98
CA ARG C 62 -20.52 7.76 3.58
C ARG C 62 -21.52 6.83 2.88
N VAL C 63 -21.30 5.53 3.01
CA VAL C 63 -22.09 4.51 2.32
C VAL C 63 -23.55 4.54 2.73
N GLN C 64 -23.77 4.59 4.04
CA GLN C 64 -25.14 4.66 4.56
C GLN C 64 -25.83 5.91 4.04
N LEU C 65 -25.14 7.04 4.13
CA LEU C 65 -25.68 8.29 3.57
C LEU C 65 -26.12 8.12 2.10
N PHE C 66 -25.31 7.46 1.28
CA PHE C 66 -25.68 7.28 -0.12
C PHE C 66 -26.82 6.27 -0.29
N LYS C 67 -26.89 5.30 0.60
CA LYS C 67 -27.90 4.25 0.55
C LYS C 67 -29.28 4.84 0.85
N ASP C 68 -29.35 5.68 1.88
CA ASP C 68 -30.58 6.40 2.19
C ASP C 68 -30.68 7.60 1.25
N ASP C 69 -31.89 7.96 0.84
CA ASP C 69 -32.09 9.14 -0.01
C ASP C 69 -33.56 9.45 -0.27
O1 PG4 D . 0.47 -26.24 4.62
C1 PG4 D . -0.66 -25.57 4.12
C2 PG4 D . -1.83 -25.67 5.14
O2 PG4 D . -2.18 -24.37 5.61
C3 PG4 D . -3.05 -23.64 4.70
C4 PG4 D . -3.51 -22.35 5.34
O3 PG4 D . -4.30 -21.65 4.40
C5 PG4 D . -5.71 -21.75 4.60
C6 PG4 D . -6.30 -22.55 3.48
O4 PG4 D . -7.72 -22.48 3.55
C7 PG4 D . -8.37 -23.59 3.02
C8 PG4 D . -8.85 -24.46 4.18
O5 PG4 D . -9.02 -25.78 3.72
O1 PG4 E . -22.16 -7.55 -5.72
C1 PG4 E . -22.76 -7.76 -6.97
C2 PG4 E . -23.16 -9.25 -7.15
O2 PG4 E . -23.75 -9.41 -8.44
C3 PG4 E . -24.46 -10.66 -8.69
C4 PG4 E . -24.92 -10.67 -10.13
O3 PG4 E . -23.83 -10.34 -10.95
C5 PG4 E . -24.13 -9.56 -12.09
C6 PG4 E . -23.14 -9.88 -13.17
O4 PG4 E . -22.58 -11.17 -12.94
C7 PG4 E . -22.85 -12.11 -13.93
C8 PG4 E . -21.57 -12.84 -14.34
O5 PG4 E . -21.76 -13.43 -15.61
ZN ZN F . -0.98 3.11 -17.09
#